data_5FNQ
#
_entry.id   5FNQ
#
_cell.length_a   103.625
_cell.length_b   103.625
_cell.length_c   56.027
_cell.angle_alpha   90.00
_cell.angle_beta   90.00
_cell.angle_gamma   120.00
#
_symmetry.space_group_name_H-M   'P 61'
#
loop_
_entity.id
_entity.type
_entity.pdbx_description
1 polymer 'KELCH-LIKE ECH-ASSOCIATED PROTEIN 1'
2 non-polymer '3-(4-CHLOROPHENYL)PROPANOIC ACID'
3 water water
#
_entity_poly.entity_id   1
_entity_poly.type   'polypeptide(L)'
_entity_poly.pdbx_seq_one_letter_code
;GPKVGRLIYTAGGYFRQSLSYLEAYNPSNGSWLRLADLQVPRSGLAGCVVGGLLYAVGGRNNSPDGNTDSSALDCYNPMT
NQWSPCASMSVPRNRIGVGVIDGHIYAVGGSHGCIHHSSVERYEPERDEWHLVAPMLTRRIGVGVAVLNRLLYAVGGFDG
TNRLNSAECYYPERNEWRMITPMNTIRSGAGVCVLHNCIYAAGGYDGQDQLNSVERYDVETETWTFVAPMRHHRSALGIT
VHQGKIYVLGGYDGHTFLDSVECYDPDSDTWSEVTRMTSGRSGVGVAVTMEPCRKQIDQQNCTC
;
_entity_poly.pdbx_strand_id   A
#
loop_
_chem_comp.id
_chem_comp.type
_chem_comp.name
_chem_comp.formula
S0W non-polymer '3-(4-CHLOROPHENYL)PROPANOIC ACID' 'C9 H9 Cl O2'
#
# COMPACT_ATOMS: atom_id res chain seq x y z
N VAL A 4 -13.60 1.56 8.64
CA VAL A 4 -13.74 0.48 7.61
C VAL A 4 -14.61 1.01 6.44
N GLY A 5 -15.90 0.65 6.38
CA GLY A 5 -16.76 0.93 5.23
C GLY A 5 -17.58 -0.30 4.90
N ARG A 6 -17.26 -0.98 3.79
CA ARG A 6 -17.99 -2.18 3.34
C ARG A 6 -17.21 -3.11 2.38
N LEU A 7 -16.57 -2.54 1.34
CA LEU A 7 -15.85 -3.34 0.34
C LEU A 7 -14.33 -3.16 0.34
N ILE A 8 -13.61 -4.22 0.01
CA ILE A 8 -12.18 -4.12 -0.27
C ILE A 8 -11.97 -3.89 -1.78
N TYR A 9 -11.50 -2.69 -2.09
CA TYR A 9 -11.27 -2.25 -3.48
C TYR A 9 -9.82 -2.52 -3.81
N THR A 10 -9.57 -3.17 -4.95
CA THR A 10 -8.21 -3.36 -5.49
C THR A 10 -8.11 -2.68 -6.85
N ALA A 11 -7.14 -1.79 -6.97
CA ALA A 11 -6.99 -0.98 -8.16
C ALA A 11 -5.62 -1.24 -8.80
N GLY A 12 -5.62 -1.43 -10.12
CA GLY A 12 -4.37 -1.55 -10.89
C GLY A 12 -3.62 -2.83 -10.59
N GLY A 13 -2.29 -2.77 -10.72
CA GLY A 13 -1.45 -3.93 -10.48
C GLY A 13 -0.70 -4.33 -11.74
N TYR A 14 -0.06 -5.50 -11.69
CA TYR A 14 0.81 -5.95 -12.77
C TYR A 14 0.67 -7.43 -13.07
N PHE A 15 0.44 -7.74 -14.34
CA PHE A 15 0.56 -9.09 -14.85
C PHE A 15 0.85 -8.94 -16.33
N ARG A 16 2.08 -9.27 -16.72
CA ARG A 16 2.60 -9.08 -18.09
C ARG A 16 2.81 -7.59 -18.40
N GLN A 17 1.88 -6.75 -17.97
CA GLN A 17 1.96 -5.29 -18.12
C GLN A 17 1.14 -4.67 -16.98
N SER A 18 1.26 -3.36 -16.79
CA SER A 18 0.44 -2.67 -15.79
C SER A 18 -1.04 -2.75 -16.18
N LEU A 19 -1.90 -2.79 -15.15
CA LEU A 19 -3.33 -3.10 -15.28
C LEU A 19 -4.22 -1.89 -14.90
N SER A 20 -5.43 -1.84 -15.48
CA SER A 20 -6.38 -0.76 -15.16
CA SER A 20 -6.39 -0.76 -15.18
C SER A 20 -7.55 -1.24 -14.30
N TYR A 21 -7.52 -2.51 -13.89
CA TYR A 21 -8.65 -3.13 -13.18
C TYR A 21 -9.00 -2.34 -11.90
N LEU A 22 -10.30 -2.15 -11.68
CA LEU A 22 -10.82 -1.82 -10.35
C LEU A 22 -11.87 -2.87 -10.02
N GLU A 23 -11.59 -3.61 -8.97
CA GLU A 23 -12.49 -4.66 -8.53
C GLU A 23 -12.70 -4.55 -7.02
N ALA A 24 -13.89 -4.91 -6.58
CA ALA A 24 -14.28 -4.81 -5.16
C ALA A 24 -14.73 -6.15 -4.63
N TYR A 25 -14.17 -6.53 -3.49
CA TYR A 25 -14.52 -7.76 -2.81
C TYR A 25 -15.36 -7.44 -1.59
N ASN A 26 -16.39 -8.26 -1.39
CA ASN A 26 -17.31 -8.14 -0.28
C ASN A 26 -17.08 -9.31 0.67
N PRO A 27 -16.37 -9.07 1.81
CA PRO A 27 -16.21 -10.14 2.81
C PRO A 27 -17.52 -10.74 3.29
N SER A 28 -18.61 -9.96 3.34
CA SER A 28 -19.91 -10.47 3.79
C SER A 28 -20.50 -11.60 2.95
N ASN A 29 -20.27 -11.58 1.64
CA ASN A 29 -20.80 -12.66 0.77
C ASN A 29 -19.81 -13.38 -0.16
N GLY A 30 -18.55 -12.96 -0.14
CA GLY A 30 -17.50 -13.54 -1.00
C GLY A 30 -17.49 -13.08 -2.47
N SER A 31 -18.33 -12.11 -2.82
CA SER A 31 -18.49 -11.67 -4.20
C SER A 31 -17.44 -10.65 -4.62
N TRP A 32 -17.11 -10.66 -5.91
CA TRP A 32 -16.25 -9.67 -6.53
C TRP A 32 -17.07 -8.90 -7.56
N LEU A 33 -16.90 -7.58 -7.65
CA LEU A 33 -17.52 -6.78 -8.70
C LEU A 33 -16.44 -6.11 -9.50
N ARG A 34 -16.55 -6.13 -10.83
CA ARG A 34 -15.64 -5.30 -11.63
C ARG A 34 -16.29 -3.93 -11.85
N LEU A 35 -15.53 -2.90 -11.54
CA LEU A 35 -15.99 -1.52 -11.58
C LEU A 35 -15.24 -0.75 -12.67
N ALA A 36 -15.44 0.57 -12.74
CA ALA A 36 -14.82 1.39 -13.77
C ALA A 36 -13.30 1.27 -13.77
N ASP A 37 -12.73 0.95 -14.93
CA ASP A 37 -11.25 0.92 -15.11
C ASP A 37 -10.63 2.26 -14.75
N LEU A 38 -9.43 2.21 -14.16
CA LEU A 38 -8.55 3.37 -14.11
C LEU A 38 -8.40 3.95 -15.50
N GLN A 39 -8.27 5.28 -15.54
CA GLN A 39 -8.06 6.00 -16.81
C GLN A 39 -6.70 5.63 -17.43
N VAL A 40 -5.70 5.38 -16.58
CA VAL A 40 -4.34 4.99 -17.03
C VAL A 40 -3.89 3.73 -16.28
N PRO A 41 -3.44 2.66 -17.00
CA PRO A 41 -2.94 1.47 -16.28
C PRO A 41 -1.81 1.85 -15.33
N ARG A 42 -1.70 1.15 -14.20
CA ARG A 42 -0.62 1.41 -13.26
C ARG A 42 -0.40 0.27 -12.30
N SER A 43 0.88 -0.05 -12.09
CA SER A 43 1.28 -0.96 -11.02
C SER A 43 2.13 -0.13 -10.05
N GLY A 44 2.37 -0.69 -8.87
CA GLY A 44 3.22 -0.04 -7.89
C GLY A 44 2.61 1.22 -7.29
N LEU A 45 1.29 1.35 -7.39
CA LEU A 45 0.54 2.49 -6.82
C LEU A 45 0.08 2.15 -5.40
N ALA A 46 -0.48 3.13 -4.70
CA ALA A 46 -1.14 2.87 -3.43
C ALA A 46 -2.58 3.39 -3.48
N GLY A 47 -3.45 2.74 -2.70
CA GLY A 47 -4.78 3.22 -2.49
C GLY A 47 -4.98 3.74 -1.08
N CYS A 48 -5.91 4.68 -0.93
CA CYS A 48 -6.38 5.13 0.37
C CYS A 48 -7.79 5.71 0.21
N VAL A 49 -8.44 5.99 1.34
CA VAL A 49 -9.78 6.54 1.36
C VAL A 49 -9.81 7.79 2.22
N VAL A 50 -10.45 8.85 1.72
CA VAL A 50 -10.72 10.07 2.47
C VAL A 50 -12.13 10.51 2.17
N GLY A 51 -12.94 10.72 3.20
CA GLY A 51 -14.34 11.13 3.05
C GLY A 51 -15.12 10.20 2.14
N GLY A 52 -14.90 8.89 2.30
CA GLY A 52 -15.58 7.89 1.48
C GLY A 52 -15.15 7.77 0.01
N LEU A 53 -14.22 8.62 -0.43
CA LEU A 53 -13.65 8.53 -1.79
C LEU A 53 -12.38 7.70 -1.81
N LEU A 54 -12.25 6.88 -2.85
CA LEU A 54 -11.08 6.07 -3.08
C LEU A 54 -10.06 6.86 -3.91
N TYR A 55 -8.82 6.91 -3.44
CA TYR A 55 -7.73 7.57 -4.18
C TYR A 55 -6.73 6.52 -4.61
N ALA A 56 -6.28 6.67 -5.86
CA ALA A 56 -5.18 5.92 -6.44
C ALA A 56 -4.01 6.89 -6.64
N VAL A 57 -2.86 6.51 -6.08
CA VAL A 57 -1.74 7.46 -5.94
C VAL A 57 -0.47 6.88 -6.57
N GLY A 58 0.16 7.62 -7.48
CA GLY A 58 1.45 7.16 -8.02
C GLY A 58 1.40 5.86 -8.82
N GLY A 59 2.52 5.14 -8.81
CA GLY A 59 2.76 3.94 -9.63
C GLY A 59 3.55 4.15 -10.92
N ARG A 60 3.39 3.25 -11.87
CA ARG A 60 4.11 3.31 -13.15
C ARG A 60 3.26 2.55 -14.12
N ASN A 61 3.20 3.03 -15.36
CA ASN A 61 2.58 2.27 -16.41
C ASN A 61 3.66 1.51 -17.16
N ASN A 62 3.78 0.21 -16.89
CA ASN A 62 4.66 -0.69 -17.63
C ASN A 62 3.84 -1.24 -18.77
N SER A 63 4.07 -0.76 -19.98
CA SER A 63 3.27 -1.15 -21.14
C SER A 63 4.18 -1.54 -22.31
N PRO A 64 3.66 -2.32 -23.30
CA PRO A 64 4.55 -2.70 -24.42
C PRO A 64 5.04 -1.50 -25.27
N ASP A 65 4.38 -0.35 -25.09
CA ASP A 65 4.72 0.88 -25.81
C ASP A 65 5.48 1.91 -24.97
N GLY A 66 5.95 1.48 -23.80
CA GLY A 66 6.81 2.28 -22.95
C GLY A 66 6.52 2.16 -21.47
N ASN A 67 7.38 2.79 -20.66
CA ASN A 67 7.25 2.71 -19.20
C ASN A 67 7.25 4.10 -18.61
N THR A 68 6.17 4.46 -17.92
CA THR A 68 6.00 5.83 -17.46
C THR A 68 5.63 5.81 -16.00
N ASP A 69 6.52 6.38 -15.18
CA ASP A 69 6.27 6.57 -13.76
C ASP A 69 5.17 7.60 -13.61
N SER A 70 4.32 7.40 -12.61
CA SER A 70 3.14 8.22 -12.43
C SER A 70 3.28 9.16 -11.24
N SER A 71 3.02 10.44 -11.46
CA SER A 71 2.81 11.38 -10.35
C SER A 71 1.29 11.63 -10.13
N ALA A 72 0.45 10.76 -10.71
CA ALA A 72 -0.99 11.02 -10.75
C ALA A 72 -1.67 10.74 -9.43
N LEU A 73 -2.67 11.56 -9.14
CA LEU A 73 -3.64 11.25 -8.10
C LEU A 73 -5.01 11.24 -8.75
N ASP A 74 -5.72 10.12 -8.61
CA ASP A 74 -7.05 9.97 -9.17
C ASP A 74 -8.03 9.50 -8.14
N CYS A 75 -9.25 10.00 -8.26
CA CYS A 75 -10.27 9.82 -7.24
C CYS A 75 -11.46 9.05 -7.82
N TYR A 76 -11.86 7.98 -7.12
CA TYR A 76 -13.03 7.17 -7.48
C TYR A 76 -14.15 7.42 -6.47
N ASN A 77 -15.31 7.83 -7.00
CA ASN A 77 -16.58 7.96 -6.26
C ASN A 77 -17.47 6.73 -6.48
N PRO A 78 -17.63 5.87 -5.44
CA PRO A 78 -18.55 4.72 -5.45
C PRO A 78 -20.00 5.10 -5.79
N MET A 79 -20.39 6.32 -5.46
CA MET A 79 -21.73 6.83 -5.77
C MET A 79 -22.03 6.91 -7.26
N THR A 80 -21.00 7.27 -8.03
CA THR A 80 -21.10 7.54 -9.47
C THR A 80 -20.43 6.48 -10.35
N ASN A 81 -19.57 5.66 -9.74
CA ASN A 81 -18.71 4.70 -10.47
C ASN A 81 -17.82 5.41 -11.51
N GLN A 82 -17.28 6.55 -11.14
CA GLN A 82 -16.42 7.33 -12.03
C GLN A 82 -15.13 7.75 -11.34
N TRP A 83 -14.05 7.70 -12.12
CA TRP A 83 -12.72 8.20 -11.74
C TRP A 83 -12.57 9.65 -12.19
N SER A 84 -12.04 10.51 -11.31
CA SER A 84 -11.76 11.90 -11.66
C SER A 84 -10.30 12.20 -11.34
N PRO A 85 -9.58 12.89 -12.27
CA PRO A 85 -8.23 13.35 -11.97
C PRO A 85 -8.20 14.43 -10.86
N CYS A 86 -7.22 14.31 -9.97
CA CYS A 86 -6.89 15.36 -9.02
C CYS A 86 -5.54 15.98 -9.41
N ALA A 87 -5.09 16.99 -8.65
CA ALA A 87 -3.76 17.55 -8.82
C ALA A 87 -2.70 16.44 -8.75
N SER A 88 -1.72 16.52 -9.64
CA SER A 88 -0.58 15.58 -9.62
C SER A 88 0.45 15.99 -8.58
N MET A 89 1.19 15.01 -8.09
CA MET A 89 2.29 15.21 -7.16
C MET A 89 3.44 15.97 -7.81
N SER A 90 4.34 16.48 -6.97
CA SER A 90 5.55 17.17 -7.41
C SER A 90 6.41 16.30 -8.35
N VAL A 91 6.41 14.99 -8.11
CA VAL A 91 7.30 14.03 -8.78
C VAL A 91 6.60 12.70 -9.04
N PRO A 92 7.02 11.98 -10.11
CA PRO A 92 6.50 10.60 -10.21
C PRO A 92 7.03 9.73 -9.05
N ARG A 93 6.19 8.80 -8.60
CA ARG A 93 6.50 7.91 -7.48
C ARG A 93 5.92 6.50 -7.74
N ASN A 94 6.73 5.65 -8.35
CA ASN A 94 6.47 4.24 -8.51
C ASN A 94 6.87 3.51 -7.22
N ARG A 95 6.11 2.48 -6.84
CA ARG A 95 6.38 1.67 -5.62
C ARG A 95 6.30 2.58 -4.37
N ILE A 96 5.23 3.36 -4.37
CA ILE A 96 4.95 4.41 -3.40
C ILE A 96 4.30 3.78 -2.17
N GLY A 97 4.40 4.46 -1.02
CA GLY A 97 3.51 4.17 0.12
C GLY A 97 2.70 5.41 0.45
N VAL A 98 1.51 5.22 1.03
CA VAL A 98 0.67 6.36 1.42
C VAL A 98 0.06 6.12 2.80
N GLY A 99 -0.27 7.21 3.49
CA GLY A 99 -0.97 7.18 4.78
C GLY A 99 -1.87 8.38 4.86
N VAL A 100 -2.99 8.24 5.55
CA VAL A 100 -3.91 9.34 5.70
C VAL A 100 -3.90 9.81 7.16
N ILE A 101 -3.74 11.12 7.37
CA ILE A 101 -3.86 11.68 8.71
C ILE A 101 -4.75 12.91 8.61
N ASP A 102 -5.80 12.93 9.43
CA ASP A 102 -6.70 14.08 9.54
C ASP A 102 -7.19 14.50 8.16
N GLY A 103 -7.56 13.51 7.35
CA GLY A 103 -8.10 13.77 6.00
C GLY A 103 -7.12 14.32 4.96
N HIS A 104 -5.83 14.23 5.26
CA HIS A 104 -4.78 14.58 4.29
C HIS A 104 -4.03 13.32 3.90
N ILE A 105 -3.60 13.26 2.64
CA ILE A 105 -2.88 12.09 2.10
C ILE A 105 -1.40 12.37 2.10
N TYR A 106 -0.63 11.50 2.75
CA TYR A 106 0.84 11.58 2.67
C TYR A 106 1.32 10.58 1.64
N ALA A 107 1.99 11.10 0.60
CA ALA A 107 2.69 10.28 -0.39
C ALA A 107 4.17 10.20 0.02
N VAL A 108 4.67 8.98 0.15
CA VAL A 108 5.96 8.71 0.73
C VAL A 108 6.85 7.94 -0.28
N GLY A 109 8.03 8.48 -0.56
CA GLY A 109 9.09 7.72 -1.25
C GLY A 109 8.72 7.34 -2.66
N GLY A 110 9.14 6.13 -3.08
CA GLY A 110 8.89 5.66 -4.43
C GLY A 110 10.01 6.07 -5.36
N SER A 111 9.97 5.55 -6.58
CA SER A 111 10.98 5.83 -7.59
C SER A 111 10.50 6.62 -8.81
N HIS A 112 11.47 7.26 -9.46
CA HIS A 112 11.29 7.90 -10.74
C HIS A 112 12.54 7.55 -11.55
N GLY A 113 12.40 6.58 -12.44
CA GLY A 113 13.57 6.01 -13.13
C GLY A 113 14.56 5.52 -12.07
N CYS A 114 15.82 5.91 -12.19
CA CYS A 114 16.83 5.54 -11.20
C CYS A 114 16.83 6.38 -9.92
N ILE A 115 15.97 7.39 -9.84
CA ILE A 115 15.82 8.22 -8.61
C ILE A 115 14.97 7.50 -7.58
N HIS A 116 15.53 7.29 -6.39
CA HIS A 116 14.82 6.69 -5.27
C HIS A 116 14.56 7.83 -4.28
N HIS A 117 13.28 8.15 -4.08
CA HIS A 117 12.91 9.36 -3.32
C HIS A 117 13.03 9.14 -1.81
N SER A 118 13.51 10.16 -1.11
CA SER A 118 13.27 10.27 0.36
C SER A 118 12.17 11.31 0.63
N SER A 119 11.83 12.10 -0.40
CA SER A 119 10.82 13.15 -0.31
C SER A 119 9.43 12.60 0.05
N VAL A 120 8.63 13.50 0.63
CA VAL A 120 7.29 13.20 1.16
C VAL A 120 6.47 14.44 0.86
N GLU A 121 5.24 14.23 0.43
CA GLU A 121 4.34 15.35 0.17
C GLU A 121 2.95 15.05 0.65
N ARG A 122 2.21 16.12 0.93
CA ARG A 122 0.90 15.98 1.55
C ARG A 122 -0.17 16.63 0.67
N TYR A 123 -1.23 15.86 0.39
CA TYR A 123 -2.39 16.33 -0.36
C TYR A 123 -3.54 16.78 0.54
N GLU A 124 -4.07 17.96 0.25
CA GLU A 124 -5.25 18.51 0.90
C GLU A 124 -6.46 18.51 -0.04
N PRO A 125 -7.36 17.54 0.13
CA PRO A 125 -8.55 17.45 -0.73
C PRO A 125 -9.43 18.71 -0.82
N GLU A 126 -9.51 19.53 0.25
CA GLU A 126 -10.32 20.78 0.23
C GLU A 126 -9.74 21.79 -0.75
N ARG A 127 -8.42 21.74 -0.90
CA ARG A 127 -7.64 22.67 -1.70
C ARG A 127 -7.27 22.08 -3.07
N ASP A 128 -7.39 20.76 -3.23
CA ASP A 128 -6.81 20.03 -4.37
C ASP A 128 -5.33 20.44 -4.61
N GLU A 129 -4.53 20.36 -3.55
CA GLU A 129 -3.13 20.82 -3.57
C GLU A 129 -2.19 19.89 -2.87
N TRP A 130 -1.02 19.68 -3.48
CA TRP A 130 0.07 18.95 -2.85
C TRP A 130 1.10 19.95 -2.32
N HIS A 131 1.73 19.60 -1.19
CA HIS A 131 2.79 20.40 -0.59
C HIS A 131 3.81 19.46 -0.03
N LEU A 132 5.09 19.73 -0.29
CA LEU A 132 6.17 18.91 0.25
C LEU A 132 6.27 19.15 1.76
N VAL A 133 6.59 18.09 2.50
CA VAL A 133 6.89 18.20 3.91
C VAL A 133 8.35 17.74 4.08
N ALA A 134 8.83 17.63 5.31
CA ALA A 134 10.18 17.12 5.56
C ALA A 134 10.41 15.76 4.87
N PRO A 135 11.60 15.58 4.22
CA PRO A 135 11.90 14.26 3.67
C PRO A 135 12.23 13.24 4.76
N MET A 136 12.07 11.96 4.46
CA MET A 136 12.50 10.90 5.34
C MET A 136 14.00 10.98 5.48
N LEU A 137 14.50 10.33 6.53
CA LEU A 137 15.94 10.16 6.72
C LEU A 137 16.61 9.17 5.71
N THR A 138 15.78 8.40 5.00
CA THR A 138 16.23 7.32 4.15
C THR A 138 15.43 7.35 2.84
N ARG A 139 16.12 7.13 1.74
CA ARG A 139 15.43 6.89 0.46
C ARG A 139 14.73 5.55 0.55
N ARG A 140 13.47 5.50 0.16
CA ARG A 140 12.68 4.25 0.29
C ARG A 140 11.68 4.12 -0.85
N ILE A 141 11.82 3.06 -1.63
CA ILE A 141 10.83 2.64 -2.62
C ILE A 141 10.37 1.25 -2.17
N GLY A 142 9.16 0.85 -2.57
CA GLY A 142 8.58 -0.41 -2.06
C GLY A 142 8.44 -0.31 -0.54
N VAL A 143 8.16 0.92 -0.11
CA VAL A 143 8.04 1.30 1.29
C VAL A 143 6.62 1.01 1.80
N GLY A 144 6.52 0.42 2.99
CA GLY A 144 5.24 0.24 3.67
C GLY A 144 4.95 1.45 4.54
N VAL A 145 3.70 1.92 4.51
CA VAL A 145 3.32 3.11 5.26
C VAL A 145 2.07 2.76 6.07
N ALA A 146 2.06 3.20 7.33
CA ALA A 146 0.88 3.08 8.18
C ALA A 146 0.73 4.31 9.09
N VAL A 147 -0.47 4.51 9.59
CA VAL A 147 -0.77 5.63 10.51
C VAL A 147 -1.35 5.02 11.79
N LEU A 148 -0.85 5.48 12.93
CA LEU A 148 -1.36 5.07 14.22
C LEU A 148 -1.21 6.27 15.12
N ASN A 149 -2.30 6.60 15.80
CA ASN A 149 -2.29 7.69 16.76
C ASN A 149 -1.79 9.01 16.14
N ARG A 150 -2.22 9.24 14.88
CA ARG A 150 -1.88 10.44 14.08
C ARG A 150 -0.36 10.67 13.94
N LEU A 151 0.36 9.57 13.84
CA LEU A 151 1.77 9.56 13.48
C LEU A 151 1.92 8.67 12.26
N LEU A 152 2.84 9.03 11.37
CA LEU A 152 3.02 8.34 10.09
C LEU A 152 4.30 7.52 10.14
N TYR A 153 4.21 6.25 9.71
CA TYR A 153 5.35 5.35 9.78
C TYR A 153 5.73 4.92 8.37
N ALA A 154 7.02 4.99 8.08
CA ALA A 154 7.58 4.46 6.82
C ALA A 154 8.46 3.26 7.20
N VAL A 155 8.19 2.13 6.56
CA VAL A 155 8.70 0.83 6.99
C VAL A 155 9.34 0.06 5.82
N GLY A 156 10.61 -0.29 6.00
CA GLY A 156 11.41 -1.07 5.03
C GLY A 156 11.53 -0.38 3.68
N GLY A 157 11.59 -1.19 2.63
CA GLY A 157 11.73 -0.72 1.26
C GLY A 157 13.14 -0.93 0.74
N PHE A 158 13.48 -0.17 -0.30
CA PHE A 158 14.74 -0.27 -1.03
C PHE A 158 15.27 1.15 -1.27
N ASP A 159 16.54 1.38 -0.95
CA ASP A 159 17.13 2.71 -1.02
C ASP A 159 17.93 2.98 -2.31
N GLY A 160 17.88 2.05 -3.25
CA GLY A 160 18.66 2.15 -4.47
C GLY A 160 19.81 1.18 -4.49
N THR A 161 20.26 0.78 -3.29
CA THR A 161 21.40 -0.14 -3.15
C THR A 161 21.04 -1.36 -2.30
N ASN A 162 20.46 -1.12 -1.12
CA ASN A 162 20.09 -2.18 -0.19
C ASN A 162 18.61 -2.21 0.10
N ARG A 163 18.05 -3.41 0.23
CA ARG A 163 16.74 -3.57 0.86
C ARG A 163 16.90 -3.34 2.37
N LEU A 164 15.85 -2.85 3.01
CA LEU A 164 15.97 -2.26 4.35
C LEU A 164 15.16 -3.00 5.41
N ASN A 165 15.74 -3.15 6.60
CA ASN A 165 14.94 -3.53 7.78
C ASN A 165 14.51 -2.32 8.62
N SER A 166 15.01 -1.14 8.24
CA SER A 166 14.80 0.08 9.01
C SER A 166 13.38 0.63 8.88
N ALA A 167 13.00 1.43 9.86
CA ALA A 167 11.72 2.10 9.83
C ALA A 167 11.86 3.45 10.54
N GLU A 168 10.99 4.37 10.18
CA GLU A 168 10.99 5.71 10.79
C GLU A 168 9.58 6.26 10.96
N CYS A 169 9.47 7.28 11.82
CA CYS A 169 8.18 7.87 12.20
C CYS A 169 8.23 9.38 11.97
N TYR A 170 7.13 9.93 11.43
CA TYR A 170 6.97 11.37 11.16
C TYR A 170 5.98 11.94 12.15
N TYR A 171 6.43 12.98 12.84
CA TYR A 171 5.66 13.71 13.85
C TYR A 171 5.19 15.03 13.20
N PRO A 172 3.93 15.08 12.71
CA PRO A 172 3.44 16.23 11.93
C PRO A 172 3.64 17.58 12.59
N GLU A 173 3.41 17.68 13.91
CA GLU A 173 3.50 18.97 14.58
C GLU A 173 4.97 19.44 14.75
N ARG A 174 5.91 18.54 14.49
CA ARG A 174 7.31 18.88 14.54
C ARG A 174 7.87 18.96 13.11
N ASN A 175 7.07 18.51 12.12
CA ASN A 175 7.52 18.31 10.73
C ASN A 175 8.89 17.62 10.72
N GLU A 176 8.96 16.46 11.37
CA GLU A 176 10.23 15.80 11.66
C GLU A 176 10.11 14.30 11.64
N TRP A 177 11.07 13.65 10.99
CA TRP A 177 11.23 12.19 11.00
C TRP A 177 12.26 11.73 11.99
N ARG A 178 11.95 10.66 12.71
CA ARG A 178 12.94 9.99 13.58
C ARG A 178 12.90 8.48 13.35
N MET A 179 14.07 7.85 13.40
CA MET A 179 14.16 6.38 13.30
C MET A 179 13.40 5.73 14.45
N ILE A 180 12.77 4.60 14.15
CA ILE A 180 12.27 3.72 15.23
C ILE A 180 13.09 2.44 15.20
N THR A 181 12.80 1.54 16.15
CA THR A 181 13.40 0.21 16.20
C THR A 181 13.30 -0.45 14.83
N PRO A 182 14.43 -0.99 14.30
CA PRO A 182 14.31 -1.68 13.00
C PRO A 182 13.57 -2.98 13.15
N MET A 183 12.88 -3.43 12.09
CA MET A 183 12.31 -4.78 12.02
C MET A 183 13.38 -5.85 12.20
N ASN A 184 12.96 -7.06 12.50
CA ASN A 184 13.86 -8.19 12.58
C ASN A 184 14.16 -8.81 11.21
N THR A 185 13.58 -8.24 10.16
CA THR A 185 13.67 -8.80 8.82
C THR A 185 13.80 -7.65 7.84
N ILE A 186 14.74 -7.79 6.90
CA ILE A 186 14.80 -6.92 5.74
C ILE A 186 13.57 -7.19 4.85
N ARG A 187 12.82 -6.14 4.55
CA ARG A 187 11.61 -6.25 3.72
C ARG A 187 11.46 -5.08 2.77
N SER A 188 11.49 -5.40 1.48
CA SER A 188 11.08 -4.45 0.44
C SER A 188 9.78 -4.93 -0.19
N GLY A 189 8.79 -4.05 -0.33
CA GLY A 189 7.50 -4.42 -0.92
C GLY A 189 6.71 -5.37 -0.02
N ALA A 190 6.81 -5.12 1.28
CA ALA A 190 5.96 -5.78 2.29
C ALA A 190 4.59 -5.13 2.21
N GLY A 191 3.58 -5.76 2.83
CA GLY A 191 2.31 -5.08 3.07
C GLY A 191 2.43 -4.53 4.49
N VAL A 192 2.18 -3.24 4.66
CA VAL A 192 2.23 -2.63 6.00
C VAL A 192 0.88 -1.99 6.33
N CYS A 193 0.34 -2.27 7.52
CA CYS A 193 -0.95 -1.70 7.99
C CYS A 193 -0.99 -1.61 9.51
N VAL A 194 -2.05 -1.04 10.03
CA VAL A 194 -2.20 -0.94 11.49
C VAL A 194 -3.38 -1.74 11.92
N LEU A 195 -3.20 -2.41 13.07
CA LEU A 195 -4.26 -3.13 13.72
C LEU A 195 -4.05 -3.00 15.22
N HIS A 196 -5.10 -2.48 15.87
CA HIS A 196 -5.05 -2.14 17.30
C HIS A 196 -3.85 -1.21 17.58
N ASN A 197 -2.96 -1.56 18.50
CA ASN A 197 -1.83 -0.67 18.81
C ASN A 197 -0.53 -1.02 18.07
N CYS A 198 -0.63 -1.82 17.01
CA CYS A 198 0.54 -2.36 16.32
C CYS A 198 0.62 -2.05 14.83
N ILE A 199 1.84 -1.81 14.36
CA ILE A 199 2.14 -1.74 12.92
C ILE A 199 2.59 -3.13 12.48
N TYR A 200 1.89 -3.69 11.50
CA TYR A 200 2.22 -5.02 10.96
C TYR A 200 2.97 -4.87 9.66
N ALA A 201 3.95 -5.75 9.45
CA ALA A 201 4.68 -5.82 8.19
C ALA A 201 4.64 -7.28 7.78
N ALA A 202 3.96 -7.56 6.66
CA ALA A 202 3.72 -8.91 6.17
C ALA A 202 4.46 -9.08 4.84
N GLY A 203 5.19 -10.18 4.70
CA GLY A 203 5.88 -10.55 3.45
C GLY A 203 6.95 -9.57 3.02
N GLY A 204 7.13 -9.48 1.70
CA GLY A 204 8.15 -8.61 1.15
C GLY A 204 9.26 -9.42 0.54
N TYR A 205 10.32 -8.70 0.16
CA TYR A 205 11.48 -9.25 -0.52
C TYR A 205 12.72 -8.78 0.22
N ASP A 206 13.64 -9.70 0.49
CA ASP A 206 14.82 -9.37 1.31
C ASP A 206 16.12 -9.22 0.50
N GLY A 207 15.99 -9.23 -0.83
CA GLY A 207 17.16 -9.27 -1.71
C GLY A 207 17.47 -10.65 -2.26
N GLN A 208 16.95 -11.69 -1.62
CA GLN A 208 17.13 -13.08 -2.09
C GLN A 208 15.81 -13.81 -2.32
N ASP A 209 14.92 -13.73 -1.33
CA ASP A 209 13.69 -14.53 -1.27
C ASP A 209 12.48 -13.69 -0.98
N GLN A 210 11.33 -14.11 -1.52
CA GLN A 210 10.03 -13.60 -1.06
C GLN A 210 9.72 -14.24 0.28
N LEU A 211 9.12 -13.45 1.17
CA LEU A 211 8.90 -13.82 2.57
C LEU A 211 7.44 -14.18 2.84
N ASN A 212 7.21 -15.13 3.74
CA ASN A 212 5.86 -15.36 4.29
C ASN A 212 5.72 -14.83 5.73
N SER A 213 6.85 -14.42 6.34
CA SER A 213 6.88 -14.04 7.75
C SER A 213 6.15 -12.71 7.96
N VAL A 214 5.66 -12.54 9.18
CA VAL A 214 4.87 -11.35 9.54
C VAL A 214 5.32 -10.91 10.92
N GLU A 215 5.60 -9.61 11.06
CA GLU A 215 5.98 -9.08 12.35
C GLU A 215 5.27 -7.79 12.66
N ARG A 216 5.18 -7.47 13.96
CA ARG A 216 4.43 -6.29 14.33
C ARG A 216 5.15 -5.47 15.38
N TYR A 217 5.01 -4.15 15.23
CA TYR A 217 5.65 -3.19 16.11
C TYR A 217 4.60 -2.63 17.08
N ASP A 218 4.82 -2.87 18.36
CA ASP A 218 3.99 -2.30 19.40
C ASP A 218 4.57 -0.94 19.74
N VAL A 219 3.82 0.13 19.44
CA VAL A 219 4.31 1.51 19.69
C VAL A 219 4.62 1.81 21.16
N GLU A 220 3.95 1.14 22.09
CA GLU A 220 4.22 1.36 23.53
C GLU A 220 5.54 0.72 23.96
N THR A 221 5.83 -0.46 23.43
CA THR A 221 7.00 -1.24 23.85
C THR A 221 8.19 -0.97 22.93
N GLU A 222 7.93 -0.45 21.73
CA GLU A 222 8.98 -0.13 20.76
C GLU A 222 9.75 -1.39 20.28
N THR A 223 9.06 -2.52 20.26
CA THR A 223 9.70 -3.76 19.81
C THR A 223 8.87 -4.43 18.74
N TRP A 224 9.54 -5.18 17.86
CA TRP A 224 8.91 -5.99 16.82
C TRP A 224 8.83 -7.44 17.29
N THR A 225 7.68 -8.08 17.06
CA THR A 225 7.45 -9.49 17.41
C THR A 225 6.87 -10.20 16.19
N PHE A 226 7.39 -11.39 15.85
CA PHE A 226 6.79 -12.22 14.78
C PHE A 226 5.47 -12.78 15.23
N VAL A 227 4.51 -12.83 14.32
CA VAL A 227 3.23 -13.52 14.55
C VAL A 227 3.23 -14.71 13.57
N ALA A 228 2.11 -15.42 13.41
CA ALA A 228 2.05 -16.54 12.47
C ALA A 228 2.37 -16.08 11.02
N PRO A 229 3.13 -16.91 10.26
CA PRO A 229 3.40 -16.50 8.86
C PRO A 229 2.19 -16.72 7.96
N MET A 230 2.12 -15.98 6.85
CA MET A 230 1.11 -16.22 5.82
C MET A 230 1.36 -17.60 5.21
N ARG A 231 0.33 -18.12 4.56
CA ARG A 231 0.41 -19.41 3.87
C ARG A 231 1.25 -19.30 2.59
N HIS A 232 1.20 -18.13 1.95
CA HIS A 232 1.93 -17.88 0.72
C HIS A 232 3.02 -16.82 0.94
N HIS A 233 4.25 -17.17 0.57
CA HIS A 233 5.34 -16.21 0.40
C HIS A 233 4.88 -15.17 -0.63
N ARG A 234 5.14 -13.88 -0.38
CA ARG A 234 4.72 -12.82 -1.31
C ARG A 234 5.42 -11.48 -1.08
N SER A 235 5.88 -10.86 -2.17
CA SER A 235 6.23 -9.42 -2.18
C SER A 235 5.28 -8.69 -3.14
N ALA A 236 5.26 -7.35 -3.05
CA ALA A 236 4.38 -6.48 -3.87
C ALA A 236 2.90 -6.88 -3.70
N LEU A 237 2.55 -7.18 -2.45
CA LEU A 237 1.19 -7.49 -2.06
C LEU A 237 0.46 -6.19 -1.75
N GLY A 238 -0.86 -6.25 -1.81
CA GLY A 238 -1.70 -5.19 -1.29
C GLY A 238 -2.14 -5.63 0.10
N ILE A 239 -2.38 -4.69 1.01
CA ILE A 239 -2.84 -5.04 2.37
C ILE A 239 -3.89 -4.03 2.80
N THR A 240 -4.86 -4.49 3.58
CA THR A 240 -5.84 -3.58 4.15
C THR A 240 -6.43 -4.23 5.40
N VAL A 241 -7.16 -3.42 6.17
CA VAL A 241 -7.86 -3.90 7.34
C VAL A 241 -9.34 -3.72 7.05
N HIS A 242 -10.11 -4.74 7.40
CA HIS A 242 -11.56 -4.74 7.26
C HIS A 242 -12.09 -5.49 8.48
N GLN A 243 -12.92 -4.79 9.26
CA GLN A 243 -13.50 -5.27 10.52
C GLN A 243 -12.55 -6.04 11.44
N GLY A 244 -11.41 -5.41 11.74
CA GLY A 244 -10.46 -5.93 12.73
C GLY A 244 -9.64 -7.12 12.26
N LYS A 245 -9.67 -7.37 10.96
CA LYS A 245 -8.88 -8.43 10.33
C LYS A 245 -8.03 -7.85 9.20
N ILE A 246 -6.84 -8.39 9.05
CA ILE A 246 -5.95 -8.01 7.96
C ILE A 246 -6.24 -8.87 6.74
N TYR A 247 -6.29 -8.24 5.56
CA TYR A 247 -6.40 -8.94 4.29
C TYR A 247 -5.17 -8.63 3.46
N VAL A 248 -4.58 -9.67 2.88
CA VAL A 248 -3.46 -9.53 1.96
C VAL A 248 -3.87 -10.05 0.59
N LEU A 249 -3.53 -9.28 -0.44
CA LEU A 249 -4.05 -9.52 -1.77
C LEU A 249 -2.91 -9.63 -2.78
N GLY A 250 -2.82 -10.78 -3.42
CA GLY A 250 -1.90 -10.96 -4.52
C GLY A 250 -0.43 -10.84 -4.16
N GLY A 251 0.33 -10.36 -5.13
CA GLY A 251 1.75 -10.24 -4.98
C GLY A 251 2.47 -11.29 -5.81
N TYR A 252 3.77 -11.41 -5.56
CA TYR A 252 4.63 -12.25 -6.37
C TYR A 252 5.44 -13.15 -5.43
N ASP A 253 5.44 -14.45 -5.69
CA ASP A 253 6.18 -15.41 -4.85
C ASP A 253 7.50 -15.93 -5.44
N GLY A 254 7.93 -15.37 -6.55
CA GLY A 254 9.11 -15.83 -7.26
C GLY A 254 8.82 -16.88 -8.34
N HIS A 255 7.54 -17.17 -8.56
CA HIS A 255 7.11 -18.22 -9.50
C HIS A 255 5.80 -17.82 -10.19
N THR A 256 4.87 -17.32 -9.39
CA THR A 256 3.51 -17.00 -9.82
C THR A 256 3.14 -15.59 -9.36
N PHE A 257 2.42 -14.88 -10.22
CA PHE A 257 1.68 -13.70 -9.79
C PHE A 257 0.40 -14.21 -9.13
N LEU A 258 0.31 -14.00 -7.82
CA LEU A 258 -0.68 -14.69 -6.97
C LEU A 258 -2.05 -14.09 -7.14
N ASP A 259 -3.07 -14.94 -7.17
CA ASP A 259 -4.46 -14.48 -7.00
C ASP A 259 -4.94 -14.67 -5.54
N SER A 260 -4.08 -15.27 -4.71
CA SER A 260 -4.45 -15.62 -3.34
C SER A 260 -4.78 -14.37 -2.51
N VAL A 261 -5.91 -14.46 -1.78
CA VAL A 261 -6.25 -13.46 -0.74
C VAL A 261 -6.29 -14.21 0.59
N GLU A 262 -5.45 -13.77 1.51
CA GLU A 262 -5.35 -14.37 2.86
C GLU A 262 -5.86 -13.36 3.91
N CYS A 263 -6.43 -13.88 4.98
CA CYS A 263 -7.00 -13.06 6.04
C CYS A 263 -6.38 -13.48 7.38
N TYR A 264 -5.95 -12.49 8.17
CA TYR A 264 -5.35 -12.73 9.48
C TYR A 264 -6.32 -12.38 10.61
N ASP A 265 -6.51 -13.32 11.51
CA ASP A 265 -7.32 -13.15 12.73
C ASP A 265 -6.36 -13.02 13.91
N PRO A 266 -6.23 -11.78 14.47
CA PRO A 266 -5.30 -11.54 15.59
C PRO A 266 -5.63 -12.28 16.87
N ASP A 267 -6.89 -12.62 17.08
CA ASP A 267 -7.31 -13.35 18.28
C ASP A 267 -6.84 -14.80 18.29
N SER A 268 -6.87 -15.47 17.13
CA SER A 268 -6.40 -16.86 17.03
C SER A 268 -4.97 -16.94 16.47
N ASP A 269 -4.42 -15.81 16.04
CA ASP A 269 -3.09 -15.74 15.39
C ASP A 269 -3.01 -16.79 14.26
N THR A 270 -3.97 -16.72 13.34
CA THR A 270 -4.03 -17.62 12.20
C THR A 270 -4.37 -16.84 10.93
N TRP A 271 -3.80 -17.32 9.83
CA TRP A 271 -4.11 -16.88 8.48
C TRP A 271 -5.00 -17.93 7.85
N SER A 272 -5.98 -17.47 7.08
CA SER A 272 -6.74 -18.39 6.27
C SER A 272 -6.95 -17.81 4.86
N GLU A 273 -7.09 -18.70 3.88
CA GLU A 273 -7.43 -18.34 2.52
C GLU A 273 -8.89 -17.89 2.51
N VAL A 274 -9.21 -16.71 1.98
CA VAL A 274 -10.63 -16.28 2.01
C VAL A 274 -11.34 -16.22 0.67
N THR A 275 -10.54 -16.00 -0.38
CA THR A 275 -11.04 -15.79 -1.74
C THR A 275 -9.82 -15.77 -2.68
N ARG A 276 -10.11 -15.75 -3.98
CA ARG A 276 -9.11 -15.53 -5.00
C ARG A 276 -9.53 -14.30 -5.75
N MET A 277 -8.56 -13.45 -6.08
CA MET A 277 -8.78 -12.39 -7.03
C MET A 277 -9.11 -13.04 -8.37
N THR A 278 -9.78 -12.29 -9.23
CA THR A 278 -10.26 -12.82 -10.51
C THR A 278 -9.08 -13.21 -11.43
N SER A 279 -7.89 -12.66 -11.14
CA SER A 279 -6.65 -13.02 -11.83
C SER A 279 -5.41 -12.67 -10.99
N GLY A 280 -4.33 -13.43 -11.15
CA GLY A 280 -3.10 -13.16 -10.41
C GLY A 280 -2.48 -11.82 -10.82
N ARG A 281 -2.01 -11.06 -9.83
CA ARG A 281 -1.38 -9.77 -10.08
C ARG A 281 -0.55 -9.33 -8.87
N SER A 282 0.44 -8.48 -9.11
CA SER A 282 1.23 -7.88 -8.03
C SER A 282 1.09 -6.36 -8.09
N GLY A 283 1.57 -5.66 -7.06
CA GLY A 283 1.65 -4.18 -7.09
C GLY A 283 0.30 -3.45 -7.20
N VAL A 284 -0.74 -4.01 -6.56
CA VAL A 284 -2.06 -3.37 -6.53
C VAL A 284 -2.14 -2.28 -5.45
N GLY A 285 -3.09 -1.35 -5.62
CA GLY A 285 -3.47 -0.41 -4.57
C GLY A 285 -4.77 -0.93 -3.97
N VAL A 286 -4.84 -0.91 -2.63
CA VAL A 286 -5.99 -1.46 -1.90
CA VAL A 286 -6.02 -1.44 -1.92
C VAL A 286 -6.47 -0.50 -0.82
N ALA A 287 -7.78 -0.37 -0.67
CA ALA A 287 -8.41 0.36 0.43
C ALA A 287 -9.85 -0.08 0.64
N VAL A 288 -10.44 0.36 1.74
CA VAL A 288 -11.81 -0.03 2.11
C VAL A 288 -12.72 1.20 2.12
N THR A 289 -13.84 1.10 1.40
CA THR A 289 -14.93 2.09 1.51
C THR A 289 -16.31 1.45 1.22
N MET A 290 -17.36 2.29 1.20
CA MET A 290 -18.75 1.84 0.99
C MET A 290 -18.94 1.17 -0.38
N GLU A 291 -19.97 0.33 -0.46
CA GLU A 291 -20.35 -0.31 -1.73
C GLU A 291 -20.89 0.71 -2.73
N PRO A 292 -20.66 0.47 -4.05
CA PRO A 292 -21.04 1.49 -5.04
C PRO A 292 -22.53 1.60 -5.36
N CYS A 293 -22.93 2.78 -5.85
CA CYS A 293 -24.24 3.09 -6.46
C CYS A 293 -25.46 2.79 -5.59
O1 S0W B . 13.47 -4.19 -3.67
C2 S0W B . 13.05 -4.03 -4.84
O3 S0W B . 13.74 -4.23 -5.87
C4 S0W B . 11.62 -3.56 -5.01
C5 S0W B . 10.62 -4.68 -4.97
C6 S0W B . 9.19 -4.21 -5.14
C7 S0W B . 8.56 -3.51 -4.11
C8 S0W B . 7.26 -3.09 -4.26
C9 S0W B . 6.58 -3.36 -5.42
CL1 S0W B . 4.94 -2.82 -5.60
C11 S0W B . 7.18 -4.05 -6.45
C12 S0W B . 8.49 -4.48 -6.30
H41C S0W B . 11.42 -2.92 -4.30
H42C S0W B . 11.55 -3.09 -5.87
H51C S0W B . 10.83 -5.32 -5.68
H52C S0W B . 10.71 -5.15 -4.11
H7 S0W B . 9.04 -3.33 -3.32
H12 S0W B . 8.90 -4.96 -7.01
H8 S0W B . 6.84 -2.61 -3.56
H11 S0W B . 6.71 -4.23 -7.24
#